data_4R9K
#
_entry.id   4R9K
#
_cell.length_a   88.049
_cell.length_b   88.049
_cell.length_c   110.241
_cell.angle_alpha   90.00
_cell.angle_beta   90.00
_cell.angle_gamma   120.00
#
_symmetry.space_group_name_H-M   'P 32 2 1'
#
loop_
_entity.id
_entity.type
_entity.pdbx_description
1 polymer 'Limonene-1,2-epoxide hydrolase'
2 non-polymer GLYCEROL
3 non-polymer (2R)-2-hydroxyhexanamide
4 water water
#
_entity_poly.entity_id   1
_entity_poly.type   'polypeptide(L)'
_entity_poly.pdbx_seq_one_letter_code
;MASKIEQPRWASKDPAAGKASTPDEKIVLEFMDALTSNDAAKLIKYFAEDTMYQNMPLPPAYGRDAVEQTLAGLFKVMSI
DAVEVFHIGSSKGLVFTERVDVLRALPTGKSYNLSILGVFQLTDGKITGWRDYFDLREFEEAVDLPLRGKLGPEQKLISE
EDLNSAVDHHHHHH
;
_entity_poly.pdbx_strand_id   A,B,C
#
loop_
_chem_comp.id
_chem_comp.type
_chem_comp.name
_chem_comp.formula
GOL non-polymer GLYCEROL 'C3 H8 O3'
HYH non-polymer (2R)-2-hydroxyhexanamide 'C6 H13 N O2'
#
# COMPACT_ATOMS: atom_id res chain seq x y z
N ILE A 5 -11.02 -17.40 -16.13
CA ILE A 5 -10.11 -16.41 -15.57
C ILE A 5 -10.25 -15.06 -16.27
N GLU A 6 -10.68 -14.05 -15.52
CA GLU A 6 -10.87 -12.72 -16.06
C GLU A 6 -9.65 -11.83 -15.79
N GLN A 7 -9.29 -11.02 -16.77
CA GLN A 7 -8.14 -10.12 -16.67
C GLN A 7 -8.27 -9.18 -15.47
N PRO A 8 -7.35 -9.31 -14.53
CA PRO A 8 -7.29 -8.45 -13.34
C PRO A 8 -7.44 -7.04 -13.90
N ARG A 9 -7.88 -6.10 -13.07
CA ARG A 9 -8.08 -4.68 -13.48
C ARG A 9 -6.79 -4.04 -13.89
N TRP A 10 -5.73 -4.51 -13.24
CA TRP A 10 -4.40 -3.93 -13.41
C TRP A 10 -3.56 -4.54 -14.53
N ALA A 11 -4.10 -5.48 -15.27
CA ALA A 11 -3.34 -6.06 -16.37
C ALA A 11 -2.99 -5.05 -17.46
N SER A 12 -1.77 -5.12 -17.97
CA SER A 12 -1.35 -4.30 -19.12
C SER A 12 -2.31 -4.54 -20.29
N LYS A 13 -2.73 -3.45 -20.88
CA LYS A 13 -3.74 -3.54 -21.94
C LYS A 13 -3.22 -4.05 -23.25
N ASP A 14 -1.95 -3.82 -23.61
CA ASP A 14 -1.44 -4.26 -24.90
C ASP A 14 -1.53 -5.78 -24.95
N PRO A 15 -2.17 -6.33 -25.96
CA PRO A 15 -2.19 -7.79 -26.14
C PRO A 15 -0.80 -8.40 -26.17
N ALA A 16 0.22 -7.69 -26.59
CA ALA A 16 1.62 -8.20 -26.70
C ALA A 16 2.17 -8.49 -25.28
N ALA A 17 1.52 -7.94 -24.25
CA ALA A 17 2.13 -8.06 -22.89
C ALA A 17 2.15 -9.50 -22.45
N GLY A 18 1.21 -10.32 -22.85
CA GLY A 18 1.18 -11.71 -22.47
C GLY A 18 1.70 -12.67 -23.53
N LYS A 19 2.34 -12.15 -24.57
CA LYS A 19 2.72 -13.02 -25.67
C LYS A 19 4.23 -13.08 -25.68
N ALA A 20 4.73 -14.21 -26.16
CA ALA A 20 6.18 -14.33 -26.29
C ALA A 20 6.83 -13.51 -27.38
N SER A 21 7.98 -13.00 -27.10
CA SER A 21 8.72 -12.28 -28.11
C SER A 21 10.11 -12.85 -28.38
N THR A 22 10.44 -13.97 -27.76
CA THR A 22 11.73 -14.64 -27.88
C THR A 22 11.49 -16.15 -27.81
N PRO A 23 12.49 -16.89 -28.30
CA PRO A 23 12.45 -18.35 -28.28
C PRO A 23 12.24 -18.90 -26.86
N ASP A 24 12.94 -18.32 -25.88
CA ASP A 24 12.81 -18.79 -24.51
C ASP A 24 11.38 -18.45 -23.90
N GLU A 25 10.88 -17.24 -24.20
CA GLU A 25 9.55 -16.90 -23.79
C GLU A 25 8.50 -17.91 -24.34
N LYS A 26 8.72 -18.31 -25.64
CA LYS A 26 7.83 -19.23 -26.28
C LYS A 26 7.79 -20.59 -25.62
N ILE A 27 8.97 -21.14 -25.23
CA ILE A 27 9.04 -22.36 -24.53
C ILE A 27 8.29 -22.32 -23.23
N VAL A 28 8.52 -21.20 -22.49
CA VAL A 28 7.82 -21.08 -21.21
C VAL A 28 6.29 -21.00 -21.38
N LEU A 29 5.79 -20.34 -22.42
CA LEU A 29 4.35 -20.38 -22.65
C LEU A 29 3.86 -21.74 -23.06
N GLU A 30 4.69 -22.50 -23.79
CA GLU A 30 4.32 -23.91 -24.06
C GLU A 30 4.22 -24.74 -22.80
N PHE A 31 5.17 -24.49 -21.86
CA PHE A 31 5.11 -25.15 -20.58
C PHE A 31 3.88 -24.75 -19.75
N MET A 32 3.52 -23.46 -19.77
CA MET A 32 2.31 -23.00 -19.15
C MET A 32 1.07 -23.72 -19.71
N ASP A 33 1.06 -23.90 -21.01
CA ASP A 33 -0.07 -24.67 -21.64
C ASP A 33 -0.10 -26.11 -21.17
N ALA A 34 1.05 -26.71 -20.90
CA ALA A 34 1.18 -28.06 -20.47
C ALA A 34 0.74 -28.33 -19.07
N LEU A 35 0.70 -27.26 -18.22
CA LEU A 35 0.42 -27.48 -16.82
C LEU A 35 -0.93 -28.11 -16.59
N THR A 36 -1.91 -27.78 -17.42
CA THR A 36 -3.23 -28.33 -17.18
C THR A 36 -3.31 -29.78 -17.56
N SER A 37 -2.24 -30.39 -18.02
CA SER A 37 -2.16 -31.85 -18.04
C SER A 37 -2.16 -32.53 -16.68
N ASN A 38 -1.73 -31.82 -15.64
CA ASN A 38 -1.54 -32.37 -14.35
C ASN A 38 -0.68 -33.66 -14.37
N ASP A 39 0.28 -33.67 -15.27
CA ASP A 39 1.04 -34.90 -15.52
C ASP A 39 2.55 -34.67 -15.34
N ALA A 40 3.03 -35.09 -14.19
CA ALA A 40 4.46 -34.80 -13.83
C ALA A 40 5.43 -35.39 -14.90
N ALA A 41 5.09 -36.53 -15.48
CA ALA A 41 5.97 -37.14 -16.50
C ALA A 41 6.00 -36.41 -17.78
N LYS A 42 4.90 -35.75 -18.18
CA LYS A 42 4.87 -34.90 -19.30
C LYS A 42 5.73 -33.61 -18.98
N LEU A 43 5.51 -33.03 -17.79
CA LEU A 43 6.16 -31.75 -17.53
C LEU A 43 7.69 -31.91 -17.35
N ILE A 44 8.10 -33.05 -16.87
CA ILE A 44 9.54 -33.15 -16.54
C ILE A 44 10.41 -33.10 -17.79
N LYS A 45 9.87 -33.39 -18.98
CA LYS A 45 10.59 -33.32 -20.20
C LYS A 45 11.13 -31.97 -20.54
N TYR A 46 10.56 -30.91 -19.91
CA TYR A 46 11.02 -29.57 -20.18
C TYR A 46 12.29 -29.15 -19.37
N PHE A 47 12.72 -30.02 -18.50
CA PHE A 47 13.75 -29.66 -17.52
C PHE A 47 15.12 -30.21 -17.88
N ALA A 48 16.13 -29.37 -17.59
CA ALA A 48 17.55 -29.72 -17.59
C ALA A 48 17.83 -30.65 -16.42
N GLU A 49 18.97 -31.36 -16.51
CA GLU A 49 19.39 -32.22 -15.42
C GLU A 49 19.65 -31.39 -14.14
N ASP A 50 20.43 -30.35 -14.32
CA ASP A 50 20.82 -29.48 -13.18
C ASP A 50 19.71 -28.41 -13.06
N THR A 51 18.72 -28.81 -12.29
CA THR A 51 17.45 -28.00 -12.19
C THR A 51 16.95 -27.93 -10.78
N MET A 52 15.96 -27.08 -10.52
CA MET A 52 15.29 -27.03 -9.26
C MET A 52 13.92 -26.47 -9.49
N TYR A 53 13.06 -26.79 -8.54
CA TYR A 53 11.69 -26.28 -8.49
C TYR A 53 11.39 -25.86 -7.09
N GLN A 54 10.75 -24.72 -6.92
CA GLN A 54 10.23 -24.31 -5.60
C GLN A 54 8.96 -23.47 -5.72
N ASN A 55 7.95 -23.93 -5.04
CA ASN A 55 6.85 -23.05 -4.60
C ASN A 55 7.32 -22.37 -3.37
N MET A 56 7.60 -21.06 -3.45
CA MET A 56 8.38 -20.38 -2.41
C MET A 56 7.94 -20.49 -0.96
N PRO A 57 6.65 -20.72 -0.68
CA PRO A 57 6.29 -20.97 0.75
C PRO A 57 6.65 -22.37 1.23
N LEU A 58 7.17 -23.24 0.37
CA LEU A 58 7.42 -24.64 0.68
C LEU A 58 8.86 -25.00 0.27
N PRO A 59 9.39 -26.12 0.77
CA PRO A 59 10.78 -26.43 0.49
C PRO A 59 11.08 -26.69 -0.97
N PRO A 60 12.33 -26.38 -1.38
CA PRO A 60 12.73 -26.60 -2.76
C PRO A 60 13.04 -28.03 -3.10
N ALA A 61 12.97 -28.35 -4.37
CA ALA A 61 13.37 -29.66 -4.86
C ALA A 61 14.53 -29.45 -5.83
N TYR A 62 15.59 -30.27 -5.69
CA TYR A 62 16.75 -30.17 -6.58
C TYR A 62 16.95 -31.42 -7.35
N GLY A 63 17.17 -31.25 -8.68
CA GLY A 63 17.38 -32.35 -9.59
C GLY A 63 16.09 -32.84 -10.18
N ARG A 64 16.15 -33.45 -11.33
CA ARG A 64 14.93 -33.86 -12.00
C ARG A 64 14.08 -34.87 -11.29
N ASP A 65 14.66 -35.88 -10.67
CA ASP A 65 13.82 -36.82 -10.02
C ASP A 65 13.04 -36.18 -8.89
N ALA A 66 13.69 -35.33 -8.09
CA ALA A 66 13.00 -34.67 -7.04
C ALA A 66 11.94 -33.74 -7.61
N VAL A 67 12.24 -33.00 -8.64
CA VAL A 67 11.24 -32.10 -9.23
C VAL A 67 9.98 -32.91 -9.71
N GLU A 68 10.22 -34.01 -10.37
CA GLU A 68 9.13 -34.86 -10.88
C GLU A 68 8.35 -35.40 -9.77
N GLN A 69 8.99 -35.93 -8.72
CA GLN A 69 8.27 -36.39 -7.52
C GLN A 69 7.47 -35.37 -6.82
N THR A 70 8.01 -34.14 -6.66
CA THR A 70 7.34 -33.06 -6.04
C THR A 70 6.06 -32.73 -6.86
N LEU A 71 6.22 -32.62 -8.20
CA LEU A 71 5.05 -32.32 -9.05
C LEU A 71 4.01 -33.45 -8.91
N ALA A 72 4.45 -34.69 -9.03
CA ALA A 72 3.55 -35.83 -8.91
C ALA A 72 2.77 -35.78 -7.60
N GLY A 73 3.46 -35.38 -6.53
CA GLY A 73 2.83 -35.27 -5.22
C GLY A 73 1.76 -34.19 -5.19
N LEU A 74 2.12 -33.01 -5.68
CA LEU A 74 1.19 -31.90 -5.73
C LEU A 74 -0.11 -32.38 -6.50
N PHE A 75 0.08 -33.04 -7.61
CA PHE A 75 -1.06 -33.43 -8.48
C PHE A 75 -1.94 -34.48 -7.82
N LYS A 76 -1.43 -35.19 -6.84
CA LYS A 76 -2.30 -36.07 -6.00
C LYS A 76 -3.26 -35.31 -5.14
N VAL A 77 -2.99 -34.05 -4.79
CA VAL A 77 -3.86 -33.36 -3.89
C VAL A 77 -4.58 -32.20 -4.54
N MET A 78 -4.05 -31.72 -5.63
CA MET A 78 -4.67 -30.57 -6.32
C MET A 78 -4.56 -30.71 -7.82
N SER A 79 -5.50 -30.07 -8.54
CA SER A 79 -5.51 -30.01 -10.00
CA SER A 79 -5.39 -30.03 -10.00
C SER A 79 -5.34 -28.56 -10.47
N ILE A 80 -4.56 -28.35 -11.50
CA ILE A 80 -4.51 -27.08 -12.23
C ILE A 80 -5.62 -27.19 -13.30
N ASP A 81 -6.71 -26.44 -13.12
CA ASP A 81 -7.81 -26.45 -14.09
C ASP A 81 -7.69 -25.48 -15.21
N ALA A 82 -6.90 -24.43 -14.99
CA ALA A 82 -6.72 -23.39 -15.99
C ALA A 82 -5.59 -22.44 -15.64
N VAL A 83 -4.89 -21.99 -16.67
CA VAL A 83 -3.74 -21.02 -16.52
C VAL A 83 -3.90 -19.86 -17.45
N GLU A 84 -3.74 -18.63 -16.97
CA GLU A 84 -3.74 -17.50 -17.83
C GLU A 84 -2.53 -16.64 -17.45
N VAL A 85 -1.67 -16.46 -18.42
CA VAL A 85 -0.47 -15.59 -18.27
C VAL A 85 -0.82 -14.18 -18.73
N PHE A 86 -0.82 -13.21 -17.84
CA PHE A 86 -1.10 -11.83 -18.16
C PHE A 86 0.10 -11.09 -18.72
N HIS A 87 1.28 -11.35 -18.14
CA HIS A 87 2.48 -10.64 -18.44
C HIS A 87 3.70 -11.55 -18.54
N ILE A 88 4.53 -11.37 -19.54
CA ILE A 88 5.76 -12.19 -19.71
C ILE A 88 6.87 -11.22 -20.11
N GLY A 89 8.07 -11.50 -19.59
CA GLY A 89 9.28 -10.80 -19.97
C GLY A 89 10.51 -11.63 -19.67
N SER A 90 11.67 -11.10 -20.01
CA SER A 90 12.82 -11.94 -20.02
C SER A 90 14.12 -11.17 -20.02
N SER A 91 15.18 -11.93 -19.79
CA SER A 91 16.59 -11.52 -20.01
CA SER A 91 16.54 -11.49 -20.11
C SER A 91 17.31 -12.76 -20.42
N LYS A 92 18.62 -12.69 -20.69
CA LYS A 92 19.35 -13.94 -21.00
C LYS A 92 19.13 -14.96 -19.88
N GLY A 93 18.71 -16.16 -20.26
CA GLY A 93 18.45 -17.23 -19.36
C GLY A 93 17.39 -17.09 -18.29
N LEU A 94 16.56 -16.08 -18.45
CA LEU A 94 15.54 -15.79 -17.48
C LEU A 94 14.23 -15.41 -18.16
N VAL A 95 13.16 -16.03 -17.71
CA VAL A 95 11.82 -15.60 -18.16
C VAL A 95 10.95 -15.51 -16.91
N PHE A 96 10.06 -14.50 -16.94
CA PHE A 96 9.11 -14.24 -15.84
C PHE A 96 7.65 -14.28 -16.32
N THR A 97 6.76 -14.85 -15.55
CA THR A 97 5.32 -14.89 -15.88
C THR A 97 4.44 -14.42 -14.73
N GLU A 98 3.64 -13.38 -14.94
CA GLU A 98 2.61 -13.05 -13.97
C GLU A 98 1.31 -13.69 -14.44
N ARG A 99 0.71 -14.52 -13.58
CA ARG A 99 -0.38 -15.38 -14.08
C ARG A 99 -1.35 -15.72 -12.98
N VAL A 100 -2.46 -16.33 -13.36
CA VAL A 100 -3.38 -16.99 -12.44
C VAL A 100 -3.47 -18.45 -12.81
N ASP A 101 -3.28 -19.31 -11.81
CA ASP A 101 -3.58 -20.72 -11.95
C ASP A 101 -4.83 -21.00 -11.13
N VAL A 102 -5.85 -21.60 -11.81
CA VAL A 102 -7.02 -22.01 -11.08
C VAL A 102 -6.78 -23.38 -10.48
N LEU A 103 -6.72 -23.47 -9.17
CA LEU A 103 -6.34 -24.68 -8.49
C LEU A 103 -7.52 -25.22 -7.70
N ARG A 104 -7.72 -26.52 -7.85
CA ARG A 104 -8.80 -27.21 -7.16
C ARG A 104 -8.20 -28.23 -6.22
N ALA A 105 -8.55 -28.14 -4.98
CA ALA A 105 -8.13 -29.05 -3.92
C ALA A 105 -8.98 -30.30 -3.96
N LEU A 106 -8.35 -31.39 -4.31
CA LEU A 106 -9.13 -32.67 -4.53
C LEU A 106 -9.81 -33.16 -3.25
N PRO A 107 -9.22 -33.01 -2.04
CA PRO A 107 -9.99 -33.46 -0.86
C PRO A 107 -11.24 -32.73 -0.51
N THR A 108 -11.37 -31.49 -0.94
CA THR A 108 -12.53 -30.67 -0.63
C THR A 108 -13.40 -30.32 -1.78
N GLY A 109 -12.89 -30.45 -3.02
CA GLY A 109 -13.59 -30.00 -4.22
C GLY A 109 -13.65 -28.54 -4.43
N LYS A 110 -12.95 -27.75 -3.61
CA LYS A 110 -13.00 -26.31 -3.68
C LYS A 110 -11.82 -25.76 -4.52
N SER A 111 -12.11 -24.66 -5.21
CA SER A 111 -11.20 -24.06 -6.22
C SER A 111 -10.83 -22.68 -5.75
N TYR A 112 -9.68 -22.22 -6.25
CA TYR A 112 -9.19 -20.90 -5.97
C TYR A 112 -8.35 -20.40 -7.18
N ASN A 113 -8.56 -19.14 -7.51
CA ASN A 113 -7.75 -18.49 -8.51
C ASN A 113 -6.46 -17.99 -7.75
N LEU A 114 -5.37 -18.67 -7.93
CA LEU A 114 -4.09 -18.38 -7.27
C LEU A 114 -3.32 -17.39 -8.13
N SER A 115 -3.03 -16.22 -7.54
CA SER A 115 -2.22 -15.21 -8.23
C SER A 115 -0.71 -15.54 -7.96
N ILE A 116 0.02 -15.72 -9.05
CA ILE A 116 1.38 -16.27 -9.04
C ILE A 116 2.28 -15.36 -9.87
N LEU A 117 3.48 -15.09 -9.37
CA LEU A 117 4.52 -14.56 -10.20
C LEU A 117 5.59 -15.62 -10.18
N GLY A 118 5.99 -16.04 -11.38
CA GLY A 118 7.02 -17.08 -11.52
C GLY A 118 8.18 -16.67 -12.30
N VAL A 119 9.31 -17.29 -11.98
CA VAL A 119 10.56 -17.15 -12.68
C VAL A 119 11.07 -18.49 -13.15
N PHE A 120 11.60 -18.49 -14.36
CA PHE A 120 12.23 -19.65 -15.04
C PHE A 120 13.59 -19.28 -15.49
N GLN A 121 14.56 -20.16 -15.11
CA GLN A 121 15.95 -20.10 -15.64
C GLN A 121 16.06 -21.16 -16.69
N LEU A 122 16.80 -20.83 -17.74
CA LEU A 122 16.92 -21.72 -18.89
C LEU A 122 18.37 -21.81 -19.35
N THR A 123 18.69 -23.00 -19.90
CA THR A 123 19.91 -23.14 -20.73
C THR A 123 19.53 -23.98 -21.95
N ASP A 124 19.88 -23.47 -23.12
CA ASP A 124 19.58 -24.16 -24.37
C ASP A 124 18.12 -24.59 -24.49
N GLY A 125 17.21 -23.78 -23.94
CA GLY A 125 15.77 -24.09 -24.06
C GLY A 125 15.23 -25.03 -22.99
N LYS A 126 16.08 -25.46 -22.05
CA LYS A 126 15.66 -26.35 -21.00
C LYS A 126 15.65 -25.68 -19.64
N ILE A 127 14.71 -26.05 -18.77
CA ILE A 127 14.49 -25.35 -17.49
C ILE A 127 15.55 -25.80 -16.47
N THR A 128 16.36 -24.83 -16.04
CA THR A 128 17.32 -25.04 -14.93
C THR A 128 16.83 -24.57 -13.56
N GLY A 129 15.72 -23.84 -13.58
CA GLY A 129 15.08 -23.47 -12.35
C GLY A 129 13.68 -22.93 -12.54
N TRP A 130 12.78 -23.21 -11.59
CA TRP A 130 11.43 -22.71 -11.70
C TRP A 130 11.02 -22.38 -10.27
N ARG A 131 10.72 -21.11 -10.05
CA ARG A 131 10.23 -20.69 -8.72
C ARG A 131 8.96 -19.89 -8.87
N ASP A 132 7.95 -20.29 -8.10
CA ASP A 132 6.62 -19.62 -8.10
C ASP A 132 6.43 -18.97 -6.76
N TYR A 133 6.09 -17.66 -6.81
CA TYR A 133 5.85 -16.84 -5.57
C TYR A 133 4.34 -16.54 -5.45
N PHE A 134 3.79 -16.71 -4.25
CA PHE A 134 2.38 -16.50 -3.99
C PHE A 134 2.24 -16.63 -2.47
N ASP A 135 1.04 -16.31 -1.98
CA ASP A 135 0.73 -16.45 -0.55
C ASP A 135 0.02 -17.77 -0.31
N LEU A 136 0.67 -18.62 0.48
CA LEU A 136 0.07 -19.94 0.76
C LEU A 136 -1.13 -19.90 1.67
N ARG A 137 -1.07 -19.10 2.72
CA ARG A 137 -2.19 -19.05 3.69
C ARG A 137 -3.51 -18.73 3.01
N GLU A 138 -3.53 -17.75 2.14
CA GLU A 138 -4.76 -17.33 1.42
C GLU A 138 -5.35 -18.53 0.63
N PHE A 139 -4.47 -19.28 0.00
CA PHE A 139 -4.91 -20.46 -0.74
C PHE A 139 -5.51 -21.52 0.21
N GLU A 140 -4.81 -21.86 1.26
CA GLU A 140 -5.31 -22.82 2.26
C GLU A 140 -6.69 -22.43 2.74
N GLU A 141 -6.83 -21.16 3.07
CA GLU A 141 -8.09 -20.66 3.65
C GLU A 141 -9.24 -20.75 2.64
N ALA A 142 -8.96 -20.55 1.36
CA ALA A 142 -9.97 -20.54 0.28
C ALA A 142 -10.47 -21.97 -0.01
N VAL A 143 -9.61 -22.95 0.10
CA VAL A 143 -10.00 -24.32 -0.25
C VAL A 143 -10.12 -25.25 0.96
N ASP A 144 -10.04 -24.67 2.17
CA ASP A 144 -10.24 -25.33 3.45
C ASP A 144 -9.29 -26.50 3.62
N LEU A 145 -8.01 -26.33 3.25
CA LEU A 145 -7.02 -27.35 3.35
C LEU A 145 -5.64 -26.82 3.77
N PRO A 146 -5.20 -27.14 4.97
CA PRO A 146 -3.84 -26.82 5.39
C PRO A 146 -2.89 -27.58 4.52
N LEU A 147 -1.93 -26.94 3.91
CA LEU A 147 -1.04 -27.58 3.02
C LEU A 147 0.34 -27.62 3.54
N ARG A 148 0.64 -26.68 4.40
CA ARG A 148 1.96 -26.55 4.89
C ARG A 148 2.28 -27.69 5.81
N ILE B 5 23.43 -9.30 2.22
CA ILE B 5 22.53 -10.40 1.74
C ILE B 5 23.30 -11.37 0.80
N GLU B 6 23.42 -12.62 1.24
CA GLU B 6 24.09 -13.65 0.46
C GLU B 6 23.21 -14.09 -0.71
N GLN B 7 23.85 -14.53 -1.79
CA GLN B 7 23.12 -14.96 -2.99
C GLN B 7 22.62 -16.40 -2.83
N PRO B 8 21.31 -16.57 -2.99
CA PRO B 8 20.68 -17.91 -2.89
C PRO B 8 21.48 -18.89 -3.74
N ARG B 9 21.38 -20.18 -3.34
CA ARG B 9 22.08 -21.27 -4.08
C ARG B 9 21.72 -21.34 -5.54
N TRP B 10 20.46 -20.97 -5.81
CA TRP B 10 19.89 -21.11 -7.14
C TRP B 10 20.02 -19.90 -8.01
N ALA B 11 20.70 -18.86 -7.56
CA ALA B 11 20.84 -17.63 -8.38
C ALA B 11 21.61 -17.95 -9.66
N SER B 12 21.22 -17.30 -10.71
CA SER B 12 21.98 -17.35 -11.98
C SER B 12 23.39 -16.89 -11.75
N LYS B 13 24.34 -17.63 -12.31
CA LYS B 13 25.74 -17.27 -12.08
C LYS B 13 26.27 -16.09 -12.85
N ASP B 14 25.69 -15.79 -14.01
CA ASP B 14 26.22 -14.71 -14.80
C ASP B 14 26.08 -13.37 -14.02
N PRO B 15 27.13 -12.61 -13.86
CA PRO B 15 27.03 -11.35 -13.15
C PRO B 15 25.98 -10.41 -13.72
N ALA B 16 25.67 -10.52 -14.98
CA ALA B 16 24.74 -9.59 -15.63
C ALA B 16 23.31 -9.93 -15.27
N ALA B 17 23.05 -11.08 -14.66
CA ALA B 17 21.67 -11.49 -14.39
C ALA B 17 20.92 -10.50 -13.54
N GLY B 18 21.55 -9.79 -12.60
CA GLY B 18 20.86 -8.81 -11.78
C GLY B 18 21.17 -7.37 -12.16
N LYS B 19 21.73 -7.20 -13.33
CA LYS B 19 22.09 -5.79 -13.84
C LYS B 19 21.12 -5.37 -14.94
N ALA B 20 20.79 -4.11 -14.93
CA ALA B 20 19.92 -3.54 -15.96
C ALA B 20 20.54 -3.49 -17.32
N SER B 21 19.76 -3.66 -18.34
CA SER B 21 20.27 -3.54 -19.69
C SER B 21 19.36 -2.67 -20.53
N THR B 22 18.32 -2.06 -19.94
CA THR B 22 17.42 -1.13 -20.66
C THR B 22 17.14 0.10 -19.78
N PRO B 23 16.61 1.17 -20.35
CA PRO B 23 16.29 2.29 -19.56
C PRO B 23 15.22 2.01 -18.48
N ASP B 24 14.19 1.22 -18.79
CA ASP B 24 13.23 0.88 -17.77
C ASP B 24 13.87 0.02 -16.69
N GLU B 25 14.72 -0.96 -17.03
CA GLU B 25 15.36 -1.76 -15.97
C GLU B 25 16.19 -0.88 -15.07
N LYS B 26 16.85 0.10 -15.69
CA LYS B 26 17.67 1.00 -14.90
C LYS B 26 16.84 1.80 -13.89
N ILE B 27 15.70 2.36 -14.31
CA ILE B 27 14.89 3.10 -13.42
C ILE B 27 14.39 2.23 -12.27
N VAL B 28 14.00 0.98 -12.55
CA VAL B 28 13.57 0.13 -11.46
C VAL B 28 14.65 -0.18 -10.46
N LEU B 29 15.86 -0.41 -10.91
CA LEU B 29 16.99 -0.61 -9.96
C LEU B 29 17.26 0.68 -9.19
N GLU B 30 17.09 1.87 -9.76
CA GLU B 30 17.15 3.15 -8.96
C GLU B 30 16.12 3.10 -7.89
N PHE B 31 14.92 2.70 -8.23
CA PHE B 31 13.81 2.59 -7.28
C PHE B 31 14.11 1.63 -6.15
N MET B 32 14.68 0.46 -6.49
CA MET B 32 15.10 -0.49 -5.45
C MET B 32 16.15 0.11 -4.52
N ASP B 33 17.07 0.88 -5.08
CA ASP B 33 18.07 1.57 -4.22
C ASP B 33 17.35 2.51 -3.28
N ALA B 34 16.31 3.20 -3.76
CA ALA B 34 15.57 4.19 -3.00
C ALA B 34 14.77 3.61 -1.84
N LEU B 35 14.43 2.30 -1.91
CA LEU B 35 13.57 1.72 -0.90
C LEU B 35 14.12 1.84 0.52
N THR B 36 15.45 1.76 0.63
CA THR B 36 16.02 1.82 1.96
C THR B 36 15.94 3.20 2.59
N SER B 37 15.44 4.18 1.85
CA SER B 37 15.08 5.45 2.44
C SER B 37 13.95 5.28 3.46
N ASN B 38 13.03 4.32 3.30
CA ASN B 38 11.89 4.23 4.21
C ASN B 38 11.03 5.48 4.16
N ASP B 39 10.99 6.12 3.01
CA ASP B 39 10.38 7.46 2.91
C ASP B 39 9.35 7.45 1.76
N ALA B 40 8.10 7.36 2.15
CA ALA B 40 7.04 7.28 1.15
C ALA B 40 6.97 8.47 0.22
N ALA B 41 7.27 9.63 0.78
CA ALA B 41 7.27 10.84 -0.04
C ALA B 41 8.35 10.89 -1.07
N LYS B 42 9.54 10.33 -0.83
CA LYS B 42 10.52 10.17 -1.82
C LYS B 42 10.13 9.15 -2.87
N LEU B 43 9.61 8.05 -2.40
CA LEU B 43 9.25 6.97 -3.31
C LEU B 43 8.11 7.35 -4.25
N ILE B 44 7.15 8.09 -3.80
CA ILE B 44 5.95 8.38 -4.64
C ILE B 44 6.32 9.15 -5.89
N LYS B 45 7.46 9.82 -5.87
CA LYS B 45 7.92 10.57 -7.08
C LYS B 45 8.17 9.76 -8.31
N TYR B 46 8.33 8.43 -8.14
CA TYR B 46 8.56 7.54 -9.24
C TYR B 46 7.28 7.08 -9.96
N PHE B 47 6.12 7.48 -9.40
CA PHE B 47 4.83 6.91 -9.85
C PHE B 47 4.07 7.81 -10.83
N ALA B 48 3.50 7.15 -11.83
CA ALA B 48 2.49 7.80 -12.67
C ALA B 48 1.26 8.14 -11.90
N GLU B 49 0.40 9.03 -12.42
CA GLU B 49 -0.91 9.27 -11.91
C GLU B 49 -1.79 8.05 -11.89
N ASP B 50 -1.87 7.41 -13.03
CA ASP B 50 -2.70 6.20 -13.15
C ASP B 50 -1.90 4.95 -12.77
N THR B 51 -1.86 4.74 -11.48
CA THR B 51 -0.90 3.78 -10.90
C THR B 51 -1.60 2.93 -9.86
N MET B 52 -0.93 1.87 -9.38
CA MET B 52 -1.40 1.04 -8.29
C MET B 52 -0.16 0.35 -7.67
N TYR B 53 -0.38 -0.06 -6.47
CA TYR B 53 0.58 -0.90 -5.68
C TYR B 53 -0.14 -1.96 -4.93
N GLN B 54 0.43 -3.17 -4.92
CA GLN B 54 -0.08 -4.21 -4.14
C GLN B 54 1.01 -5.14 -3.67
N ASN B 55 1.08 -5.33 -2.34
CA ASN B 55 1.73 -6.56 -1.76
C ASN B 55 0.67 -7.59 -1.84
N MET B 56 0.88 -8.59 -2.69
CA MET B 56 -0.21 -9.50 -3.07
C MET B 56 -1.02 -10.23 -1.98
N PRO B 57 -0.44 -10.44 -0.79
CA PRO B 57 -1.27 -11.02 0.29
C PRO B 57 -2.25 -10.03 0.93
N LEU B 58 -2.21 -8.75 0.54
CA LEU B 58 -3.03 -7.68 1.14
C LEU B 58 -3.70 -6.87 0.06
N PRO B 59 -4.72 -6.07 0.42
CA PRO B 59 -5.50 -5.43 -0.64
C PRO B 59 -4.67 -4.38 -1.41
N PRO B 60 -5.04 -4.16 -2.68
CA PRO B 60 -4.36 -3.19 -3.49
C PRO B 60 -4.70 -1.75 -3.18
N ALA B 61 -3.83 -0.88 -3.63
CA ALA B 61 -3.98 0.55 -3.54
C ALA B 61 -3.96 1.14 -4.93
N TYR B 62 -4.98 1.98 -5.27
CA TYR B 62 -5.06 2.64 -6.59
C TYR B 62 -4.91 4.15 -6.48
N GLY B 63 -4.09 4.72 -7.31
CA GLY B 63 -3.80 6.12 -7.32
C GLY B 63 -2.68 6.50 -6.40
N ARG B 64 -2.03 7.62 -6.71
CA ARG B 64 -0.84 8.01 -5.93
C ARG B 64 -1.10 8.29 -4.49
N ASP B 65 -2.18 8.95 -4.11
CA ASP B 65 -2.36 9.17 -2.69
C ASP B 65 -2.52 7.86 -1.91
N ALA B 66 -3.24 6.90 -2.45
CA ALA B 66 -3.37 5.61 -1.78
C ALA B 66 -2.07 4.84 -1.74
N VAL B 67 -1.32 4.88 -2.81
CA VAL B 67 0.01 4.22 -2.85
C VAL B 67 0.90 4.82 -1.79
N GLU B 68 0.93 6.15 -1.73
CA GLU B 68 1.77 6.86 -0.70
C GLU B 68 1.31 6.53 0.69
N GLN B 69 0.02 6.48 0.96
CA GLN B 69 -0.53 6.15 2.28
C GLN B 69 -0.11 4.75 2.66
N THR B 70 -0.14 3.84 1.67
CA THR B 70 0.15 2.42 1.93
C THR B 70 1.64 2.29 2.31
N LEU B 71 2.51 2.93 1.59
CA LEU B 71 3.93 2.86 1.89
C LEU B 71 4.18 3.51 3.26
N ALA B 72 3.54 4.66 3.47
CA ALA B 72 3.75 5.33 4.77
C ALA B 72 3.34 4.47 5.88
N GLY B 73 2.22 3.77 5.75
CA GLY B 73 1.72 2.90 6.82
C GLY B 73 2.73 1.76 7.09
N LEU B 74 3.28 1.20 6.02
CA LEU B 74 4.23 0.12 6.20
C LEU B 74 5.46 0.64 6.94
N PHE B 75 5.97 1.82 6.57
CA PHE B 75 7.20 2.34 7.13
C PHE B 75 7.02 2.81 8.61
N LYS B 76 5.78 2.91 9.07
CA LYS B 76 5.55 3.24 10.49
C LYS B 76 5.88 2.02 11.37
N VAL B 77 5.85 0.79 10.82
CA VAL B 77 6.03 -0.44 11.63
C VAL B 77 7.16 -1.35 11.14
N MET B 78 7.76 -1.07 10.00
CA MET B 78 8.92 -1.86 9.53
C MET B 78 9.89 -1.02 8.75
N SER B 79 11.12 -1.42 8.79
CA SER B 79 12.21 -0.80 8.07
C SER B 79 12.73 -1.76 6.99
N ILE B 80 12.91 -1.22 5.75
CA ILE B 80 13.68 -1.94 4.72
C ILE B 80 15.15 -1.58 4.99
N ASP B 81 15.88 -2.58 5.49
CA ASP B 81 17.30 -2.38 5.85
C ASP B 81 18.23 -2.65 4.70
N ALA B 82 17.84 -3.49 3.70
CA ALA B 82 18.69 -3.79 2.56
C ALA B 82 17.84 -4.41 1.51
N VAL B 83 18.26 -4.21 0.26
CA VAL B 83 17.60 -4.86 -0.92
C VAL B 83 18.71 -5.43 -1.78
N GLU B 84 18.54 -6.64 -2.27
CA GLU B 84 19.42 -7.23 -3.29
C GLU B 84 18.59 -7.83 -4.39
N VAL B 85 18.83 -7.39 -5.63
CA VAL B 85 18.13 -7.98 -6.79
C VAL B 85 19.06 -9.02 -7.40
N PHE B 86 18.59 -10.22 -7.45
CA PHE B 86 19.38 -11.31 -8.06
C PHE B 86 19.17 -11.40 -9.56
N HIS B 87 17.94 -11.14 -9.99
CA HIS B 87 17.55 -11.35 -11.39
C HIS B 87 16.63 -10.22 -11.83
N ILE B 88 16.88 -9.71 -13.02
CA ILE B 88 15.99 -8.70 -13.56
C ILE B 88 15.77 -8.99 -15.03
N GLY B 89 14.57 -8.73 -15.52
CA GLY B 89 14.24 -8.94 -16.93
C GLY B 89 13.04 -8.03 -17.27
N SER B 90 12.65 -8.04 -18.52
CA SER B 90 11.65 -7.04 -18.96
C SER B 90 11.07 -7.39 -20.32
N SER B 91 10.06 -6.59 -20.61
CA SER B 91 9.38 -6.50 -21.89
CA SER B 91 9.48 -6.51 -21.91
C SER B 91 8.95 -5.08 -22.02
N LYS B 92 8.36 -4.75 -23.17
CA LYS B 92 7.79 -3.36 -23.23
C LYS B 92 6.80 -3.09 -22.07
N GLY B 93 7.12 -2.01 -21.34
CA GLY B 93 6.23 -1.57 -20.24
C GLY B 93 6.22 -2.47 -19.05
N LEU B 94 7.18 -3.45 -18.98
CA LEU B 94 7.16 -4.39 -17.90
C LEU B 94 8.60 -4.69 -17.41
N VAL B 95 8.83 -4.62 -16.10
CA VAL B 95 10.09 -5.04 -15.51
C VAL B 95 9.81 -6.00 -14.38
N PHE B 96 10.68 -7.02 -14.21
CA PHE B 96 10.53 -8.02 -13.13
C PHE B 96 11.83 -8.10 -12.32
N THR B 97 11.66 -8.22 -11.02
CA THR B 97 12.79 -8.34 -10.07
C THR B 97 12.59 -9.51 -9.18
N GLU B 98 13.58 -10.42 -9.15
CA GLU B 98 13.60 -11.47 -8.12
C GLU B 98 14.66 -11.01 -7.11
N ARG B 99 14.22 -10.86 -5.87
CA ARG B 99 15.07 -10.13 -4.88
C ARG B 99 14.81 -10.60 -3.47
N VAL B 100 15.65 -10.10 -2.56
CA VAL B 100 15.40 -10.18 -1.14
C VAL B 100 15.42 -8.76 -0.60
N ASP B 101 14.39 -8.50 0.21
CA ASP B 101 14.40 -7.27 1.03
C ASP B 101 14.56 -7.74 2.49
N VAL B 102 15.52 -7.11 3.19
CA VAL B 102 15.67 -7.38 4.61
C VAL B 102 14.77 -6.44 5.40
N LEU B 103 13.79 -7.03 6.05
CA LEU B 103 12.72 -6.25 6.71
C LEU B 103 12.90 -6.41 8.22
N ARG B 104 12.95 -5.28 8.89
CA ARG B 104 13.05 -5.28 10.37
C ARG B 104 11.73 -4.73 10.95
N ALA B 105 11.08 -5.53 11.75
CA ALA B 105 9.82 -5.16 12.39
C ALA B 105 10.14 -4.26 13.60
N LEU B 106 9.69 -3.03 13.59
CA LEU B 106 10.02 -2.12 14.68
C LEU B 106 9.45 -2.53 16.04
N PRO B 107 8.24 -3.18 16.08
CA PRO B 107 7.72 -3.51 17.40
C PRO B 107 8.52 -4.58 18.13
N THR B 108 9.14 -5.49 17.37
CA THR B 108 9.83 -6.63 17.98
C THR B 108 11.34 -6.68 17.73
N GLY B 109 11.84 -5.76 16.90
CA GLY B 109 13.23 -5.71 16.56
C GLY B 109 13.72 -6.88 15.72
N LYS B 110 12.84 -7.74 15.28
CA LYS B 110 13.26 -8.96 14.58
C LYS B 110 13.33 -8.61 13.08
N SER B 111 14.26 -9.28 12.41
CA SER B 111 14.48 -9.07 10.96
C SER B 111 14.26 -10.37 10.23
N TYR B 112 13.87 -10.19 8.95
CA TYR B 112 13.62 -11.34 8.08
C TYR B 112 14.09 -10.99 6.68
N ASN B 113 14.73 -11.98 6.05
CA ASN B 113 15.09 -11.87 4.66
C ASN B 113 13.93 -12.34 3.81
N LEU B 114 13.13 -11.38 3.32
CA LEU B 114 11.86 -11.69 2.68
C LEU B 114 12.19 -11.90 1.13
N SER B 115 11.83 -13.09 0.70
CA SER B 115 12.10 -13.51 -0.74
C SER B 115 10.87 -12.96 -1.54
N ILE B 116 11.15 -12.13 -2.55
CA ILE B 116 10.09 -11.42 -3.23
C ILE B 116 10.34 -11.59 -4.74
N LEU B 117 9.27 -11.79 -5.48
CA LEU B 117 9.27 -11.59 -6.95
C LEU B 117 8.27 -10.47 -7.23
N GLY B 118 8.79 -9.43 -7.87
CA GLY B 118 8.01 -8.23 -8.12
C GLY B 118 7.95 -7.87 -9.60
N VAL B 119 6.84 -7.21 -9.96
CA VAL B 119 6.60 -6.74 -11.31
C VAL B 119 6.29 -5.27 -11.24
N PHE B 120 6.80 -4.53 -12.23
CA PHE B 120 6.59 -3.09 -12.39
C PHE B 120 6.11 -2.87 -13.80
N GLN B 121 5.02 -2.12 -13.89
CA GLN B 121 4.53 -1.56 -15.16
C GLN B 121 4.92 -0.13 -15.26
N LEU B 122 5.34 0.27 -16.45
CA LEU B 122 5.86 1.62 -16.70
C LEU B 122 5.27 2.26 -17.93
N THR B 123 5.23 3.60 -17.87
CA THR B 123 4.95 4.42 -19.08
C THR B 123 5.87 5.64 -19.01
N ASP B 124 6.63 5.82 -20.10
CA ASP B 124 7.70 6.86 -20.18
C ASP B 124 8.41 7.03 -18.84
N GLY B 125 8.82 5.87 -18.38
CA GLY B 125 9.71 5.79 -17.19
C GLY B 125 9.07 6.03 -15.86
N LYS B 126 7.74 6.12 -15.79
CA LYS B 126 7.00 6.27 -14.56
C LYS B 126 6.18 4.99 -14.27
N ILE B 127 6.10 4.67 -12.97
CA ILE B 127 5.48 3.46 -12.54
C ILE B 127 3.96 3.49 -12.54
N THR B 128 3.35 2.70 -13.41
CA THR B 128 1.90 2.56 -13.45
C THR B 128 1.35 1.40 -12.70
N GLY B 129 2.26 0.51 -12.22
CA GLY B 129 1.83 -0.60 -11.36
C GLY B 129 3.04 -1.25 -10.72
N TRP B 130 2.87 -1.69 -9.46
CA TRP B 130 3.92 -2.38 -8.76
C TRP B 130 3.27 -3.41 -7.90
N ARG B 131 3.55 -4.68 -8.19
CA ARG B 131 3.00 -5.78 -7.40
C ARG B 131 4.16 -6.65 -6.92
N ASP B 132 4.21 -6.90 -5.61
CA ASP B 132 5.23 -7.80 -5.01
C ASP B 132 4.54 -9.02 -4.50
N TYR B 133 5.09 -10.20 -4.86
CA TYR B 133 4.60 -11.52 -4.51
C TYR B 133 5.55 -12.20 -3.51
N PHE B 134 4.94 -12.69 -2.43
CA PHE B 134 5.70 -13.36 -1.36
C PHE B 134 4.68 -14.05 -0.43
N ASP B 135 5.20 -14.80 0.53
CA ASP B 135 4.35 -15.45 1.55
C ASP B 135 4.31 -14.61 2.84
N LEU B 136 3.11 -14.13 3.15
CA LEU B 136 2.96 -13.26 4.34
C LEU B 136 3.09 -14.03 5.64
N ARG B 137 2.51 -15.21 5.72
CA ARG B 137 2.54 -15.91 7.00
C ARG B 137 3.98 -16.17 7.47
N GLU B 138 4.89 -16.56 6.57
CA GLU B 138 6.28 -16.89 6.95
C GLU B 138 6.92 -15.67 7.55
N PHE B 139 6.65 -14.53 6.95
CA PHE B 139 7.19 -13.24 7.44
C PHE B 139 6.61 -12.92 8.82
N GLU B 140 5.29 -13.04 8.96
CA GLU B 140 4.64 -12.82 10.32
C GLU B 140 5.26 -13.69 11.38
N GLU B 141 5.52 -14.94 11.07
CA GLU B 141 6.03 -15.88 12.06
C GLU B 141 7.43 -15.54 12.40
N ALA B 142 8.25 -15.11 11.45
CA ALA B 142 9.64 -14.78 11.70
C ALA B 142 9.80 -13.55 12.60
N VAL B 143 8.94 -12.56 12.41
CA VAL B 143 9.09 -11.31 13.18
C VAL B 143 8.11 -11.22 14.31
N ASP B 144 7.35 -12.28 14.55
CA ASP B 144 6.45 -12.43 15.67
C ASP B 144 5.47 -11.29 15.70
N LEU B 145 4.82 -11.04 14.55
CA LEU B 145 3.74 -10.05 14.47
C LEU B 145 2.61 -10.50 13.53
N PRO B 146 1.36 -10.30 13.94
CA PRO B 146 0.19 -10.64 13.12
C PRO B 146 -0.01 -9.53 12.14
N LEU B 147 0.80 -9.49 11.13
CA LEU B 147 0.73 -8.40 10.20
C LEU B 147 -0.55 -8.25 9.44
N ARG B 148 -1.15 -9.36 8.98
CA ARG B 148 -2.35 -9.24 8.16
C ARG B 148 -3.46 -8.64 8.98
N GLY B 149 -3.48 -9.00 10.26
CA GLY B 149 -4.55 -8.54 11.20
C GLY B 149 -4.47 -7.03 11.42
N LYS B 150 -3.26 -6.47 11.33
CA LYS B 150 -3.05 -5.01 11.41
C LYS B 150 -3.20 -4.33 10.03
N LEU B 151 -2.41 -4.76 9.04
CA LEU B 151 -2.33 -4.07 7.75
C LEU B 151 -3.48 -4.36 6.82
N GLY B 152 -4.16 -5.51 6.95
CA GLY B 152 -5.29 -5.75 6.11
C GLY B 152 -6.41 -4.74 6.39
N PRO B 153 -6.78 -4.61 7.71
CA PRO B 153 -7.85 -3.55 7.92
C PRO B 153 -7.43 -2.10 7.53
N GLU B 154 -6.16 -1.74 7.78
CA GLU B 154 -5.63 -0.43 7.32
C GLU B 154 -5.70 -0.29 5.81
N GLN B 155 -5.37 -1.36 5.08
CA GLN B 155 -5.39 -1.32 3.63
C GLN B 155 -6.87 -1.17 3.09
N LYS B 156 -7.80 -1.81 3.81
CA LYS B 156 -9.23 -1.64 3.56
C LYS B 156 -9.68 -0.17 3.82
N LEU B 157 -9.16 0.49 4.88
CA LEU B 157 -9.43 1.96 5.05
C LEU B 157 -8.85 2.82 3.88
N ILE B 158 -7.65 2.51 3.46
CA ILE B 158 -7.03 3.26 2.41
C ILE B 158 -7.93 3.23 1.18
N SER B 159 -8.40 2.04 0.83
CA SER B 159 -9.35 1.93 -0.25
C SER B 159 -10.68 2.58 0.06
N ILE C 5 -20.66 37.21 7.48
CA ILE C 5 -21.52 36.30 8.23
C ILE C 5 -22.53 37.07 9.07
N GLU C 6 -23.81 36.78 8.87
CA GLU C 6 -24.88 37.44 9.61
C GLU C 6 -24.89 37.01 11.07
N GLN C 7 -25.39 37.89 11.94
CA GLN C 7 -25.46 37.60 13.36
C GLN C 7 -26.79 36.93 13.73
N PRO C 8 -26.70 35.68 14.17
CA PRO C 8 -27.87 34.94 14.54
C PRO C 8 -28.75 35.79 15.38
N ARG C 9 -30.06 35.55 15.28
CA ARG C 9 -31.03 36.32 16.06
C ARG C 9 -30.88 36.15 17.57
N TRP C 10 -30.29 35.02 17.98
CA TRP C 10 -30.12 34.70 19.41
C TRP C 10 -28.77 35.20 19.95
N ALA C 11 -27.93 35.85 19.15
CA ALA C 11 -26.64 36.29 19.67
C ALA C 11 -26.76 37.26 20.80
N SER C 12 -25.93 37.21 21.79
CA SER C 12 -25.92 38.21 22.90
C SER C 12 -25.67 39.58 22.34
N LYS C 13 -26.45 40.56 22.80
CA LYS C 13 -26.40 41.88 22.24
C LYS C 13 -25.15 42.68 22.68
N ASP C 14 -24.54 42.43 23.83
CA ASP C 14 -23.41 43.24 24.29
C ASP C 14 -22.30 43.08 23.27
N PRO C 15 -21.74 44.14 22.70
CA PRO C 15 -20.60 44.09 21.76
C PRO C 15 -19.41 43.35 22.34
N ALA C 16 -19.28 43.21 23.65
CA ALA C 16 -18.13 42.52 24.31
C ALA C 16 -18.36 41.02 24.27
N ALA C 17 -19.54 40.52 23.91
CA ALA C 17 -19.81 39.04 24.09
C ALA C 17 -18.88 38.22 23.24
N GLY C 18 -18.49 38.62 22.08
CA GLY C 18 -17.59 37.89 21.20
C GLY C 18 -16.17 38.42 21.27
N LYS C 19 -15.85 39.32 22.18
CA LYS C 19 -14.51 39.89 22.29
C LYS C 19 -13.80 39.25 23.50
N ALA C 20 -12.46 39.22 23.33
CA ALA C 20 -11.60 38.72 24.41
C ALA C 20 -11.57 39.53 25.62
N SER C 21 -11.58 38.95 26.80
CA SER C 21 -11.39 39.75 28.05
C SER C 21 -10.19 39.23 28.82
N THR C 22 -9.54 38.16 28.35
CA THR C 22 -8.36 37.59 29.05
C THR C 22 -7.28 37.26 28.00
N PRO C 23 -6.07 37.02 28.45
CA PRO C 23 -5.00 36.67 27.55
C PRO C 23 -5.27 35.37 26.73
N ASP C 24 -5.84 34.36 27.38
CA ASP C 24 -6.08 33.11 26.66
C ASP C 24 -7.19 33.31 25.61
N GLU C 25 -8.21 34.12 25.95
CA GLU C 25 -9.25 34.46 24.97
C GLU C 25 -8.69 35.19 23.78
N LYS C 26 -7.73 36.09 24.04
CA LYS C 26 -7.08 36.81 22.99
C LYS C 26 -6.31 35.96 22.01
N ILE C 27 -5.60 34.97 22.54
CA ILE C 27 -4.82 34.02 21.69
C ILE C 27 -5.77 33.20 20.85
N VAL C 28 -6.84 32.73 21.44
CA VAL C 28 -7.79 31.92 20.72
C VAL C 28 -8.44 32.73 19.59
N LEU C 29 -8.77 33.99 19.80
CA LEU C 29 -9.27 34.80 18.67
C LEU C 29 -8.26 35.10 17.62
N GLU C 30 -6.98 35.17 17.94
CA GLU C 30 -5.91 35.24 16.93
C GLU C 30 -5.88 33.99 16.12
N PHE C 31 -6.02 32.82 16.79
CA PHE C 31 -6.07 31.53 16.13
C PHE C 31 -7.29 31.47 15.19
N MET C 32 -8.42 31.92 15.65
CA MET C 32 -9.60 31.97 14.79
C MET C 32 -9.34 32.86 13.58
N ASP C 33 -8.65 33.99 13.75
CA ASP C 33 -8.29 34.83 12.61
C ASP C 33 -7.39 34.09 11.60
N ALA C 34 -6.49 33.27 12.12
CA ALA C 34 -5.53 32.53 11.35
C ALA C 34 -6.12 31.41 10.55
N LEU C 35 -7.25 30.86 10.97
CA LEU C 35 -7.84 29.70 10.31
C LEU C 35 -8.10 29.93 8.84
N THR C 36 -8.49 31.15 8.46
CA THR C 36 -8.77 31.39 7.02
C THR C 36 -7.54 31.34 6.14
N SER C 37 -6.35 31.21 6.72
CA SER C 37 -5.14 30.94 5.93
C SER C 37 -5.19 29.57 5.28
N ASN C 38 -5.92 28.59 5.86
CA ASN C 38 -5.92 27.20 5.34
C ASN C 38 -4.51 26.64 5.20
N ASP C 39 -3.65 26.99 6.16
CA ASP C 39 -2.20 26.69 6.12
C ASP C 39 -1.85 25.95 7.43
N ALA C 40 -1.78 24.63 7.30
CA ALA C 40 -1.59 23.76 8.48
C ALA C 40 -0.25 24.07 9.13
N ALA C 41 0.77 24.37 8.35
CA ALA C 41 2.05 24.72 8.96
C ALA C 41 2.05 26.01 9.72
N LYS C 42 1.29 27.01 9.33
CA LYS C 42 1.11 28.21 10.11
C LYS C 42 0.34 27.93 11.42
N LEU C 43 -0.72 27.15 11.27
CA LEU C 43 -1.63 26.92 12.42
C LEU C 43 -0.98 26.06 13.50
N ILE C 44 -0.12 25.13 13.09
CA ILE C 44 0.42 24.19 14.11
C ILE C 44 1.31 24.94 15.10
N LYS C 45 1.81 26.08 14.74
CA LYS C 45 2.62 26.89 15.66
C LYS C 45 1.93 27.33 16.89
N TYR C 46 0.58 27.30 16.94
CA TYR C 46 -0.18 27.67 18.10
C TYR C 46 -0.30 26.51 19.11
N PHE C 47 0.17 25.32 18.77
CA PHE C 47 -0.10 24.13 19.55
C PHE C 47 1.07 23.76 20.48
N ALA C 48 0.70 23.28 21.66
CA ALA C 48 1.65 22.60 22.57
C ALA C 48 2.03 21.27 22.02
N GLU C 49 3.15 20.73 22.54
CA GLU C 49 3.53 19.38 22.18
C GLU C 49 2.48 18.32 22.59
N ASP C 50 2.02 18.43 23.81
CA ASP C 50 1.04 17.44 24.34
C ASP C 50 -0.35 17.99 24.04
N THR C 51 -0.76 17.71 22.82
CA THR C 51 -2.00 18.32 22.26
C THR C 51 -2.89 17.28 21.58
N MET C 52 -4.08 17.69 21.18
CA MET C 52 -4.96 16.86 20.43
C MET C 52 -5.96 17.80 19.72
N TYR C 53 -6.52 17.26 18.63
CA TYR C 53 -7.57 17.97 17.85
C TYR C 53 -8.60 16.99 17.44
N GLN C 54 -9.88 17.37 17.60
CA GLN C 54 -10.95 16.52 17.15
C GLN C 54 -12.08 17.38 16.66
N ASN C 55 -12.56 17.10 15.44
CA ASN C 55 -13.91 17.50 15.00
C ASN C 55 -14.79 16.34 15.48
N MET C 56 -15.70 16.59 16.39
CA MET C 56 -16.26 15.53 17.17
C MET C 56 -16.97 14.39 16.41
N PRO C 57 -17.52 14.67 15.21
CA PRO C 57 -18.08 13.54 14.42
C PRO C 57 -17.03 12.63 13.85
N LEU C 58 -15.73 12.89 13.95
CA LEU C 58 -14.67 12.14 13.32
C LEU C 58 -13.56 11.75 14.29
N PRO C 59 -12.67 10.82 13.94
CA PRO C 59 -11.66 10.41 14.90
C PRO C 59 -10.69 11.51 15.33
N PRO C 60 -10.24 11.43 16.61
CA PRO C 60 -9.25 12.39 17.10
C PRO C 60 -7.87 12.23 16.60
N ALA C 61 -7.11 13.28 16.65
CA ALA C 61 -5.69 13.29 16.41
C ALA C 61 -4.94 13.69 17.69
N TYR C 62 -3.86 12.96 18.02
CA TYR C 62 -3.02 13.28 19.18
C TYR C 62 -1.63 13.59 18.76
N GLY C 63 -1.06 14.65 19.28
CA GLY C 63 0.26 15.11 18.99
C GLY C 63 0.36 16.05 17.80
N ARG C 64 1.35 16.91 17.74
CA ARG C 64 1.40 17.90 16.67
C ARG C 64 1.49 17.35 15.29
N ASP C 65 2.26 16.29 15.09
CA ASP C 65 2.33 15.75 13.75
C ASP C 65 0.97 15.31 13.23
N ALA C 66 0.21 14.58 14.05
CA ALA C 66 -1.07 14.14 13.67
C ALA C 66 -2.01 15.31 13.52
N VAL C 67 -1.99 16.29 14.40
CA VAL C 67 -2.88 17.44 14.21
C VAL C 67 -2.56 18.17 12.91
N GLU C 68 -1.28 18.40 12.61
CA GLU C 68 -0.91 19.08 11.35
C GLU C 68 -1.34 18.28 10.12
N GLN C 69 -1.10 16.96 10.15
CA GLN C 69 -1.59 16.10 9.01
C GLN C 69 -3.08 16.22 8.86
N THR C 70 -3.83 16.24 9.98
CA THR C 70 -5.27 16.29 9.94
C THR C 70 -5.71 17.57 9.28
N LEU C 71 -5.20 18.69 9.73
CA LEU C 71 -5.55 20.00 9.15
C LEU C 71 -5.17 20.02 7.66
N ALA C 72 -3.98 19.51 7.32
CA ALA C 72 -3.60 19.52 5.87
C ALA C 72 -4.57 18.70 5.10
N GLY C 73 -5.04 17.61 5.63
CA GLY C 73 -5.98 16.79 4.91
C GLY C 73 -7.34 17.43 4.73
N LEU C 74 -7.78 18.12 5.77
CA LEU C 74 -9.02 18.86 5.67
C LEU C 74 -8.93 19.93 4.56
N PHE C 75 -7.84 20.66 4.51
CA PHE C 75 -7.69 21.79 3.63
C PHE C 75 -7.54 21.30 2.20
N LYS C 76 -7.26 20.03 1.94
CA LYS C 76 -7.30 19.50 0.57
C LYS C 76 -8.72 19.37 0.07
N VAL C 77 -9.71 19.22 0.91
CA VAL C 77 -11.09 18.99 0.54
C VAL C 77 -11.92 20.25 0.69
N MET C 78 -11.62 21.11 1.64
CA MET C 78 -12.47 22.26 1.94
C MET C 78 -11.63 23.49 2.28
N SER C 79 -12.16 24.69 2.06
CA SER C 79 -11.53 26.04 2.29
C SER C 79 -12.38 26.64 3.44
N ILE C 80 -11.75 27.06 4.56
CA ILE C 80 -12.37 27.93 5.50
C ILE C 80 -12.22 29.38 5.02
N ASP C 81 -13.32 29.93 4.58
CA ASP C 81 -13.34 31.29 3.93
C ASP C 81 -13.73 32.40 4.86
N ALA C 82 -14.37 32.11 6.02
CA ALA C 82 -14.72 33.13 6.97
C ALA C 82 -14.92 32.44 8.32
N VAL C 83 -14.65 33.17 9.39
CA VAL C 83 -14.96 32.75 10.77
C VAL C 83 -15.54 33.90 11.47
N GLU C 84 -16.66 33.75 12.12
CA GLU C 84 -17.18 34.77 12.99
C GLU C 84 -17.50 34.18 14.35
N VAL C 85 -16.88 34.75 15.40
CA VAL C 85 -17.16 34.32 16.76
C VAL C 85 -18.22 35.22 17.37
N PHE C 86 -19.31 34.64 17.79
CA PHE C 86 -20.39 35.39 18.44
C PHE C 86 -20.19 35.52 19.92
N HIS C 87 -19.69 34.41 20.55
CA HIS C 87 -19.60 34.33 22.00
C HIS C 87 -18.30 33.69 22.37
N ILE C 88 -17.63 34.25 23.36
CA ILE C 88 -16.38 33.65 23.85
C ILE C 88 -16.42 33.69 25.38
N GLY C 89 -15.88 32.67 26.06
CA GLY C 89 -15.72 32.66 27.50
C GLY C 89 -14.65 31.71 27.87
N SER C 90 -14.41 31.55 29.16
CA SER C 90 -13.18 30.83 29.58
C SER C 90 -13.24 30.47 31.05
N SER C 91 -12.24 29.68 31.41
CA SER C 91 -11.91 29.30 32.81
CA SER C 91 -11.89 29.42 32.81
C SER C 91 -10.40 29.08 32.76
N LYS C 92 -9.78 28.77 33.90
CA LYS C 92 -8.38 28.41 33.83
C LYS C 92 -8.13 27.26 32.84
N GLY C 93 -7.23 27.52 31.91
CA GLY C 93 -6.88 26.53 30.90
C GLY C 93 -7.92 26.16 29.88
N LEU C 94 -9.00 26.94 29.78
CA LEU C 94 -10.17 26.56 28.93
C LEU C 94 -10.67 27.85 28.27
N VAL C 95 -10.90 27.80 26.98
CA VAL C 95 -11.63 28.87 26.25
C VAL C 95 -12.66 28.17 25.37
N PHE C 96 -13.82 28.85 25.23
CA PHE C 96 -14.92 28.34 24.42
C PHE C 96 -15.34 29.39 23.39
N THR C 97 -15.64 28.97 22.18
CA THR C 97 -16.08 29.89 21.12
C THR C 97 -17.34 29.34 20.46
N GLU C 98 -18.39 30.13 20.44
CA GLU C 98 -19.60 29.79 19.60
C GLU C 98 -19.43 30.61 18.33
N ARG C 99 -19.46 29.94 17.19
CA ARG C 99 -19.07 30.60 15.95
C ARG C 99 -19.77 29.98 14.77
N VAL C 100 -19.55 30.65 13.62
CA VAL C 100 -19.81 30.08 12.30
C VAL C 100 -18.54 30.10 11.50
N ASP C 101 -18.24 28.98 10.84
CA ASP C 101 -17.18 28.92 9.83
C ASP C 101 -17.87 28.67 8.49
N VAL C 102 -17.52 29.56 7.54
CA VAL C 102 -17.99 29.38 6.16
C VAL C 102 -17.01 28.47 5.44
N LEU C 103 -17.50 27.32 4.99
CA LEU C 103 -16.68 26.30 4.38
C LEU C 103 -17.07 26.07 2.96
N ARG C 104 -16.06 26.07 2.08
CA ARG C 104 -16.27 25.79 0.63
C ARG C 104 -15.77 24.41 0.35
N ALA C 105 -16.62 23.48 -0.16
CA ALA C 105 -16.20 22.17 -0.51
C ALA C 105 -15.53 22.22 -1.90
N LEU C 106 -14.26 22.00 -1.99
CA LEU C 106 -13.51 22.16 -3.23
C LEU C 106 -14.03 21.26 -4.34
N PRO C 107 -14.37 20.02 -4.05
CA PRO C 107 -14.80 19.22 -5.22
C PRO C 107 -16.09 19.64 -5.82
N THR C 108 -17.02 20.19 -5.10
CA THR C 108 -18.32 20.52 -5.63
C THR C 108 -18.56 22.01 -5.84
N GLY C 109 -17.70 22.91 -5.27
CA GLY C 109 -17.91 24.28 -5.33
C GLY C 109 -18.93 24.86 -4.42
N LYS C 110 -19.59 24.02 -3.59
CA LYS C 110 -20.71 24.49 -2.76
C LYS C 110 -20.14 24.94 -1.39
N SER C 111 -20.72 25.96 -0.83
CA SER C 111 -20.33 26.49 0.49
C SER C 111 -21.41 26.23 1.48
N TYR C 112 -21.03 26.23 2.75
CA TYR C 112 -21.94 25.99 3.82
C TYR C 112 -21.51 26.83 5.06
N ASN C 113 -22.47 27.43 5.74
CA ASN C 113 -22.22 28.12 6.99
C ASN C 113 -22.36 27.15 8.11
N LEU C 114 -21.26 26.66 8.63
CA LEU C 114 -21.29 25.58 9.65
C LEU C 114 -21.31 26.20 11.05
N SER C 115 -22.38 25.87 11.79
CA SER C 115 -22.53 26.33 13.17
C SER C 115 -21.72 25.43 14.12
N ILE C 116 -20.79 26.04 14.86
CA ILE C 116 -19.78 25.34 15.65
C ILE C 116 -19.74 25.88 17.04
N LEU C 117 -19.61 24.98 18.02
CA LEU C 117 -19.19 25.38 19.39
C LEU C 117 -17.92 24.62 19.64
N GLY C 118 -16.86 25.35 19.91
CA GLY C 118 -15.51 24.80 20.13
C GLY C 118 -14.99 25.04 21.52
N VAL C 119 -14.11 24.14 21.93
CA VAL C 119 -13.39 24.27 23.18
C VAL C 119 -11.91 24.13 22.94
N PHE C 120 -11.13 24.92 23.65
CA PHE C 120 -9.69 24.98 23.58
C PHE C 120 -9.12 24.82 24.94
N GLN C 121 -8.22 23.87 25.12
CA GLN C 121 -7.41 23.79 26.36
C GLN C 121 -6.04 24.36 26.08
N LEU C 122 -5.56 25.08 27.06
CA LEU C 122 -4.31 25.84 26.92
C LEU C 122 -3.37 25.62 28.13
N THR C 123 -2.09 25.77 27.83
CA THR C 123 -1.03 25.87 28.88
C THR C 123 -0.05 26.90 28.41
N ASP C 124 0.17 27.91 29.24
CA ASP C 124 1.08 29.00 28.89
C ASP C 124 0.78 29.57 27.50
N GLY C 125 -0.50 29.66 27.15
CA GLY C 125 -0.90 30.22 25.85
C GLY C 125 -0.81 29.34 24.68
N LYS C 126 -0.43 28.08 24.79
CA LYS C 126 -0.31 27.15 23.74
C LYS C 126 -1.41 26.11 23.86
N ILE C 127 -1.96 25.68 22.72
CA ILE C 127 -3.15 24.83 22.66
C ILE C 127 -2.80 23.36 22.97
N THR C 128 -3.36 22.83 24.06
CA THR C 128 -3.23 21.46 24.45
C THR C 128 -4.42 20.59 24.04
N GLY C 129 -5.48 21.22 23.51
CA GLY C 129 -6.62 20.43 23.02
C GLY C 129 -7.60 21.39 22.34
N TRP C 130 -8.12 20.93 21.21
CA TRP C 130 -9.09 21.69 20.46
C TRP C 130 -10.16 20.72 19.97
N ARG C 131 -11.39 20.92 20.40
CA ARG C 131 -12.49 20.06 19.96
C ARG C 131 -13.63 20.97 19.49
N ASP C 132 -14.09 20.69 18.27
CA ASP C 132 -15.21 21.40 17.65
C ASP C 132 -16.38 20.47 17.52
N TYR C 133 -17.52 21.00 17.98
CA TYR C 133 -18.82 20.27 18.00
C TYR C 133 -19.75 20.90 16.99
N PHE C 134 -20.38 20.01 16.17
CA PHE C 134 -21.28 20.41 15.07
C PHE C 134 -21.94 19.13 14.52
N ASP C 135 -22.92 19.33 13.66
CA ASP C 135 -23.56 18.24 12.96
C ASP C 135 -22.97 18.01 11.58
N LEU C 136 -22.34 16.86 11.41
CA LEU C 136 -21.66 16.61 10.16
C LEU C 136 -22.68 16.26 9.00
N ARG C 137 -23.77 15.57 9.28
CA ARG C 137 -24.68 15.15 8.17
C ARG C 137 -25.20 16.39 7.48
N GLU C 138 -25.55 17.41 8.26
CA GLU C 138 -26.10 18.64 7.72
C GLU C 138 -25.16 19.27 6.70
N PHE C 139 -23.87 19.25 7.02
CA PHE C 139 -22.85 19.82 6.14
C PHE C 139 -22.71 18.99 4.87
N GLU C 140 -22.64 17.68 5.00
CA GLU C 140 -22.48 16.79 3.87
C GLU C 140 -23.71 16.96 2.94
N GLU C 141 -24.89 17.11 3.47
CA GLU C 141 -26.07 17.25 2.57
C GLU C 141 -26.02 18.60 1.91
N ALA C 142 -25.47 19.63 2.50
CA ALA C 142 -25.41 20.95 1.86
C ALA C 142 -24.40 20.95 0.70
N VAL C 143 -23.32 20.20 0.79
CA VAL C 143 -22.26 20.32 -0.21
C VAL C 143 -22.13 19.11 -1.12
N ASP C 144 -23.03 18.11 -0.93
CA ASP C 144 -23.08 16.89 -1.74
C ASP C 144 -21.81 16.08 -1.68
N LEU C 145 -21.29 15.84 -0.48
CA LEU C 145 -20.10 15.00 -0.34
C LEU C 145 -20.17 14.09 0.88
N PRO C 146 -19.80 12.82 0.72
CA PRO C 146 -19.81 11.89 1.88
C PRO C 146 -18.58 12.07 2.72
N LEU C 147 -18.53 13.20 3.42
CA LEU C 147 -17.32 13.60 4.11
C LEU C 147 -16.84 12.60 5.15
N ARG C 148 -17.73 12.01 5.92
CA ARG C 148 -17.40 10.98 6.93
C ARG C 148 -16.76 9.77 6.28
N GLY C 149 -17.28 9.43 5.13
CA GLY C 149 -16.73 8.29 4.40
C GLY C 149 -15.34 8.44 3.91
N LYS C 150 -14.93 9.67 3.64
CA LYS C 150 -13.58 10.01 3.17
C LYS C 150 -12.66 10.25 4.36
N LEU C 151 -13.07 11.23 5.18
CA LEU C 151 -12.17 11.72 6.24
C LEU C 151 -12.05 10.77 7.40
N GLY C 152 -13.09 10.02 7.70
CA GLY C 152 -12.99 9.06 8.76
C GLY C 152 -11.87 8.07 8.59
N PRO C 153 -11.82 7.39 7.42
CA PRO C 153 -10.68 6.47 7.27
C PRO C 153 -9.37 7.15 7.16
N GLU C 154 -9.29 8.33 6.54
CA GLU C 154 -8.04 9.05 6.50
C GLU C 154 -7.52 9.38 7.91
N GLN C 155 -8.43 9.80 8.78
CA GLN C 155 -8.01 10.17 10.14
C GLN C 155 -7.68 8.92 10.99
N LYS C 156 -8.35 7.78 10.72
CA LYS C 156 -7.90 6.50 11.34
C LYS C 156 -6.46 6.20 10.92
N LEU C 157 -6.10 6.32 9.77
CA LEU C 157 -4.71 6.15 9.35
C LEU C 157 -3.71 7.09 9.98
N ILE C 158 -4.09 8.37 10.06
CA ILE C 158 -3.21 9.34 10.73
C ILE C 158 -2.91 8.97 12.17
N SER C 159 -3.94 8.38 12.78
CA SER C 159 -3.87 7.98 14.21
C SER C 159 -2.85 6.82 14.46
N GLU C 160 -2.48 6.06 13.47
CA GLU C 160 -1.47 5.02 13.61
C GLU C 160 -0.10 5.67 13.94
N GLU C 161 0.48 5.17 15.05
CA GLU C 161 1.76 5.69 15.49
C GLU C 161 2.95 5.37 14.57
N ASP C 162 3.80 6.35 14.36
CA ASP C 162 5.04 6.12 13.63
C ASP C 162 6.07 5.61 14.64
N LEU C 163 6.51 4.33 14.57
CA LEU C 163 7.52 3.81 15.56
C LEU C 163 8.91 4.11 15.08
N ASN C 164 9.05 4.84 13.98
CA ASN C 164 10.33 5.22 13.38
C ASN C 164 10.74 6.68 13.51
C1 GOL D . 26.20 -25.22 -12.68
O1 GOL D . 25.16 -25.15 -13.70
C2 GOL D . 25.92 -24.20 -11.57
O2 GOL D . 26.05 -22.90 -12.15
C3 GOL D . 24.52 -24.34 -10.97
O3 GOL D . 24.22 -25.61 -10.43
C1 GOL E . 23.17 -21.07 -12.56
O1 GOL E . 23.28 -19.95 -13.43
C2 GOL E . 21.67 -21.31 -12.22
O2 GOL E . 21.60 -22.35 -11.23
C3 GOL E . 20.79 -21.68 -13.43
O3 GOL E . 21.29 -22.89 -14.13
O1 HYH F . 1.80 -23.62 -10.01
C5 HYH F . 0.91 -24.17 -9.41
N HYH F . -0.33 -23.82 -9.73
C4 HYH F . 1.27 -25.23 -8.33
O HYH F . 1.02 -26.66 -8.74
C3 HYH F . 0.63 -24.60 -7.07
C2 HYH F . 1.11 -25.08 -5.67
C1 HYH F . 0.32 -24.45 -4.58
C HYH F . 0.80 -25.09 -3.25
C1 GOL G . -3.08 12.12 -8.27
O1 GOL G . -2.14 11.67 -9.11
C2 GOL G . -2.36 12.27 -6.91
O2 GOL G . -0.97 12.67 -7.03
C3 GOL G . -3.13 13.27 -6.05
O3 GOL G . -4.01 13.97 -6.91
O1 HYH H . 8.70 -4.60 -0.53
C5 HYH H . 8.77 -4.56 0.70
N HYH H . 9.93 -4.83 1.20
C4 HYH H . 7.58 -4.21 1.53
O HYH H . 7.69 -2.91 2.23
C3 HYH H . 7.32 -5.41 2.42
C2 HYH H . 5.86 -5.58 2.82
C1 HYH H . 5.57 -6.69 3.77
C HYH H . 4.11 -6.65 4.17
C1 GOL I . -4.87 19.32 28.66
O1 GOL I . -3.41 19.53 28.70
C2 GOL I . -5.36 18.03 29.30
O2 GOL I . -4.92 16.99 28.46
C3 GOL I . -4.70 17.75 30.67
O3 GOL I . -5.09 18.71 31.67
C1 GOL J . 1.28 30.76 18.64
O1 GOL J . 1.15 30.67 20.07
C2 GOL J . 1.86 31.93 17.90
O2 GOL J . 3.27 31.87 18.10
C3 GOL J . 1.59 31.76 16.41
O3 GOL J . 2.64 31.60 15.43
O1 HYH K . -13.43 24.16 11.97
C5 HYH K . -13.68 23.90 10.79
N HYH K . -14.32 24.85 10.17
C4 HYH K . -13.24 22.58 10.17
O HYH K . -12.13 22.74 9.21
C3 HYH K . -14.53 21.88 9.77
C2 HYH K . -14.43 20.34 9.62
C1 HYH K . -15.59 19.73 8.92
C HYH K . -15.44 18.24 8.72
#